data_5WRX
#
_entry.id   5WRX
#
_entity_poly.entity_id   1
_entity_poly.type   'polypeptide(L)'
_entity_poly.pdbx_seq_one_letter_code
;VARGWGRKCPLFG
;
_entity_poly.pdbx_strand_id   A
#
# COMPACT_ATOMS: atom_id res chain seq x y z
N VAL A 1 -0.33 2.44 -5.08
CA VAL A 1 0.75 3.38 -5.35
C VAL A 1 1.94 2.66 -5.98
N ALA A 2 2.40 1.60 -5.33
CA ALA A 2 3.54 0.83 -5.83
C ALA A 2 3.15 -0.63 -6.07
N ARG A 3 2.64 -1.28 -5.02
CA ARG A 3 2.23 -2.67 -5.12
C ARG A 3 0.75 -2.83 -4.78
N GLY A 4 0.42 -2.71 -3.50
CA GLY A 4 -0.96 -2.85 -3.07
C GLY A 4 -1.49 -1.58 -2.42
N TRP A 5 -0.65 -0.55 -2.38
CA TRP A 5 -1.04 0.73 -1.78
C TRP A 5 -2.37 1.21 -2.36
N GLY A 6 -3.47 0.86 -1.69
CA GLY A 6 -4.77 1.28 -2.17
C GLY A 6 -5.25 2.55 -1.49
N ARG A 7 -5.76 2.41 -0.26
CA ARG A 7 -6.26 3.55 0.48
C ARG A 7 -5.44 3.77 1.76
N LYS A 8 -5.72 2.96 2.77
CA LYS A 8 -5.01 3.06 4.05
C LYS A 8 -4.44 1.70 4.46
N CYS A 9 -4.08 0.89 3.47
CA CYS A 9 -3.51 -0.43 3.73
C CYS A 9 -2.12 -0.56 3.12
N PRO A 10 -1.13 0.07 3.78
CA PRO A 10 0.26 0.03 3.33
C PRO A 10 0.89 -1.34 3.49
N LEU A 11 1.55 -1.81 2.44
CA LEU A 11 2.20 -3.12 2.46
C LEU A 11 3.70 -2.98 2.21
N PHE A 12 4.25 -1.82 2.56
CA PHE A 12 5.68 -1.57 2.37
C PHE A 12 6.35 -1.19 3.69
N GLY A 13 5.77 -1.67 4.79
CA GLY A 13 6.33 -1.37 6.10
C GLY A 13 7.08 -2.54 6.69
N VAL A 1 -0.65 2.15 -5.04
CA VAL A 1 0.34 3.15 -5.38
C VAL A 1 1.57 2.52 -6.04
N ALA A 2 2.14 1.51 -5.38
CA ALA A 2 3.30 0.82 -5.91
C ALA A 2 3.02 -0.66 -6.11
N ARG A 3 2.60 -1.33 -5.03
CA ARG A 3 2.30 -2.76 -5.08
C ARG A 3 0.85 -3.01 -4.68
N GLY A 4 0.57 -2.90 -3.38
CA GLY A 4 -0.78 -3.13 -2.90
C GLY A 4 -1.38 -1.90 -2.26
N TRP A 5 -0.63 -0.80 -2.26
CA TRP A 5 -1.09 0.45 -1.68
C TRP A 5 -2.47 0.82 -2.22
N GLY A 6 -3.52 0.41 -1.50
CA GLY A 6 -4.87 0.70 -1.93
C GLY A 6 -5.42 1.95 -1.25
N ARG A 7 -5.89 1.79 -0.02
CA ARG A 7 -6.45 2.90 0.74
C ARG A 7 -5.60 3.22 1.96
N LYS A 8 -5.76 2.41 3.01
CA LYS A 8 -5.01 2.60 4.24
C LYS A 8 -4.33 1.31 4.67
N CYS A 9 -3.93 0.51 3.68
CA CYS A 9 -3.26 -0.75 3.95
C CYS A 9 -1.87 -0.79 3.29
N PRO A 10 -0.92 -0.08 3.90
CA PRO A 10 0.45 -0.01 3.39
C PRO A 10 1.20 -1.33 3.55
N LEU A 11 1.86 -1.77 2.48
CA LEU A 11 2.61 -3.01 2.50
C LEU A 11 4.08 -2.77 2.18
N PHE A 12 4.56 -1.57 2.49
CA PHE A 12 5.94 -1.21 2.24
C PHE A 12 6.63 -0.75 3.52
N GLY A 13 6.13 -1.22 4.66
CA GLY A 13 6.70 -0.85 5.94
C GLY A 13 8.03 -1.54 6.20
N VAL A 1 -0.66 2.08 -4.88
CA VAL A 1 0.32 3.11 -5.20
C VAL A 1 1.56 2.51 -5.86
N ALA A 2 2.14 1.51 -5.19
CA ALA A 2 3.33 0.84 -5.71
C ALA A 2 3.07 -0.65 -5.91
N ARG A 3 2.66 -1.32 -4.84
CA ARG A 3 2.38 -2.75 -4.90
C ARG A 3 0.94 -3.04 -4.52
N GLY A 4 0.63 -2.94 -3.23
CA GLY A 4 -0.71 -3.20 -2.75
C GLY A 4 -1.34 -1.97 -2.12
N TRP A 5 -0.62 -0.87 -2.12
CA TRP A 5 -1.11 0.38 -1.53
C TRP A 5 -2.49 0.72 -2.08
N GLY A 6 -3.53 0.28 -1.39
CA GLY A 6 -4.89 0.56 -1.83
C GLY A 6 -5.48 1.79 -1.15
N ARG A 7 -5.95 1.63 0.08
CA ARG A 7 -6.53 2.73 0.82
C ARG A 7 -5.71 3.05 2.06
N LYS A 8 -5.88 2.25 3.11
CA LYS A 8 -5.15 2.45 4.35
C LYS A 8 -4.44 1.16 4.78
N CYS A 9 -4.01 0.37 3.79
CA CYS A 9 -3.32 -0.88 4.07
C CYS A 9 -1.93 -0.89 3.43
N PRO A 10 -1.00 -0.15 4.04
CA PRO A 10 0.39 -0.06 3.55
C PRO A 10 1.15 -1.36 3.72
N LEU A 11 1.82 -1.80 2.66
CA LEU A 11 2.60 -3.03 2.69
C LEU A 11 4.07 -2.75 2.39
N PHE A 12 4.52 -1.55 2.70
CA PHE A 12 5.90 -1.16 2.46
C PHE A 12 6.57 -0.69 3.76
N GLY A 13 6.07 -1.17 4.89
CA GLY A 13 6.61 -0.80 6.17
C GLY A 13 8.09 -1.13 6.29
N VAL A 1 -0.58 2.24 -5.02
CA VAL A 1 0.40 3.28 -5.33
C VAL A 1 1.64 2.68 -5.99
N ALA A 2 2.22 1.67 -5.36
CA ALA A 2 3.40 1.00 -5.89
C ALA A 2 3.14 -0.48 -6.13
N ARG A 3 2.73 -1.18 -5.08
CA ARG A 3 2.45 -2.60 -5.16
C ARG A 3 1.00 -2.90 -4.79
N GLY A 4 0.70 -2.82 -3.49
CA GLY A 4 -0.65 -3.09 -3.02
C GLY A 4 -1.28 -1.88 -2.36
N TRP A 5 -0.54 -0.77 -2.33
CA TRP A 5 -1.03 0.45 -1.72
C TRP A 5 -2.41 0.82 -2.26
N GLY A 6 -3.45 0.36 -1.57
CA GLY A 6 -4.81 0.66 -2.00
C GLY A 6 -5.39 1.86 -1.30
N ARG A 7 -5.86 1.67 -0.07
CA ARG A 7 -6.45 2.75 0.70
C ARG A 7 -5.62 3.05 1.95
N LYS A 8 -5.78 2.22 2.97
CA LYS A 8 -5.05 2.39 4.22
C LYS A 8 -4.34 1.09 4.61
N CYS A 9 -3.93 0.32 3.61
CA CYS A 9 -3.23 -0.93 3.85
C CYS A 9 -1.85 -0.93 3.21
N PRO A 10 -0.91 -0.22 3.84
CA PRO A 10 0.47 -0.11 3.35
C PRO A 10 1.23 -1.42 3.49
N LEU A 11 1.91 -1.82 2.42
CA LEU A 11 2.68 -3.06 2.42
C LEU A 11 4.15 -2.79 2.12
N PHE A 12 4.60 -1.58 2.46
CA PHE A 12 5.99 -1.20 2.23
C PHE A 12 6.65 -0.76 3.53
N GLY A 13 6.16 -1.27 4.65
CA GLY A 13 6.72 -0.93 5.95
C GLY A 13 7.47 -2.07 6.58
N VAL A 1 -0.41 2.51 -4.92
CA VAL A 1 0.60 3.52 -5.20
C VAL A 1 1.83 2.90 -5.85
N ALA A 2 2.38 1.86 -5.23
CA ALA A 2 3.55 1.18 -5.76
C ALA A 2 3.26 -0.29 -6.02
N ARG A 3 2.82 -0.99 -4.98
CA ARG A 3 2.50 -2.41 -5.09
C ARG A 3 1.04 -2.67 -4.74
N GLY A 4 0.73 -2.61 -3.45
CA GLY A 4 -0.63 -2.85 -3.00
C GLY A 4 -1.23 -1.63 -2.32
N TRP A 5 -0.48 -0.55 -2.27
CA TRP A 5 -0.95 0.68 -1.64
C TRP A 5 -2.31 1.10 -2.20
N GLY A 6 -3.37 0.65 -1.53
CA GLY A 6 -4.71 0.98 -1.97
C GLY A 6 -5.27 2.20 -1.27
N ARG A 7 -5.76 1.99 -0.04
CA ARG A 7 -6.34 3.09 0.74
C ARG A 7 -5.51 3.34 2.00
N LYS A 8 -5.71 2.50 3.01
CA LYS A 8 -4.99 2.63 4.27
C LYS A 8 -4.31 1.31 4.65
N CYS A 9 -3.90 0.55 3.64
CA CYS A 9 -3.25 -0.73 3.88
C CYS A 9 -1.85 -0.75 3.25
N PRO A 10 -0.91 -0.07 3.90
CA PRO A 10 0.48 0.00 3.43
C PRO A 10 1.21 -1.33 3.56
N LEU A 11 1.89 -1.73 2.49
CA LEU A 11 2.63 -2.99 2.48
C LEU A 11 4.11 -2.74 2.20
N PHE A 12 4.58 -1.56 2.57
CA PHE A 12 5.98 -1.19 2.36
C PHE A 12 6.64 -0.79 3.68
N GLY A 13 6.12 -1.32 4.79
CA GLY A 13 6.66 -1.00 6.09
C GLY A 13 7.87 -1.85 6.43
N VAL A 1 -0.38 2.37 -4.88
CA VAL A 1 0.71 3.30 -5.19
C VAL A 1 1.87 2.57 -5.86
N ALA A 2 2.34 1.51 -5.22
CA ALA A 2 3.45 0.72 -5.76
C ALA A 2 3.04 -0.73 -5.98
N ARG A 3 2.57 -1.37 -4.93
CA ARG A 3 2.15 -2.76 -5.01
C ARG A 3 0.67 -2.91 -4.64
N GLY A 4 0.38 -2.81 -3.34
CA GLY A 4 -0.98 -2.92 -2.88
C GLY A 4 -1.49 -1.66 -2.21
N TRP A 5 -0.64 -0.63 -2.19
CA TRP A 5 -1.01 0.64 -1.57
C TRP A 5 -2.33 1.15 -2.12
N GLY A 6 -3.41 0.80 -1.42
CA GLY A 6 -4.73 1.23 -1.85
C GLY A 6 -5.19 2.50 -1.14
N ARG A 7 -5.68 2.35 0.08
CA ARG A 7 -6.15 3.50 0.86
C ARG A 7 -5.28 3.70 2.10
N LYS A 8 -5.53 2.90 3.12
CA LYS A 8 -4.78 2.99 4.37
C LYS A 8 -4.21 1.63 4.77
N CYS A 9 -3.88 0.82 3.77
CA CYS A 9 -3.32 -0.51 4.01
C CYS A 9 -1.94 -0.64 3.36
N PRO A 10 -0.93 -0.02 3.99
CA PRO A 10 0.45 -0.07 3.50
C PRO A 10 1.07 -1.45 3.64
N LEU A 11 1.70 -1.92 2.56
CA LEU A 11 2.34 -3.23 2.56
C LEU A 11 3.83 -3.11 2.25
N PHE A 12 4.40 -1.95 2.60
CA PHE A 12 5.83 -1.71 2.36
C PHE A 12 6.53 -1.34 3.66
N GLY A 13 5.99 -1.81 4.78
CA GLY A 13 6.58 -1.51 6.07
C GLY A 13 7.91 -2.21 6.27
N VAL A 1 -0.38 2.22 -4.95
CA VAL A 1 0.64 3.21 -5.24
C VAL A 1 1.87 2.56 -5.88
N ALA A 2 2.39 1.53 -5.22
CA ALA A 2 3.57 0.82 -5.71
C ALA A 2 3.25 -0.65 -5.94
N ARG A 3 2.80 -1.32 -4.88
CA ARG A 3 2.48 -2.73 -4.96
C ARG A 3 1.01 -2.97 -4.61
N GLY A 4 0.68 -2.87 -3.32
CA GLY A 4 -0.68 -3.08 -2.87
C GLY A 4 -1.28 -1.84 -2.24
N TRP A 5 -0.50 -0.77 -2.21
CA TRP A 5 -0.97 0.50 -1.62
C TRP A 5 -2.32 0.90 -2.19
N GLY A 6 -3.39 0.50 -1.52
CA GLY A 6 -4.72 0.82 -1.98
C GLY A 6 -5.28 2.07 -1.31
N ARG A 7 -5.78 1.90 -0.09
CA ARG A 7 -6.34 3.02 0.67
C ARG A 7 -5.52 3.31 1.92
N LYS A 8 -5.73 2.50 2.95
CA LYS A 8 -5.01 2.66 4.21
C LYS A 8 -4.37 1.35 4.63
N CYS A 9 -3.95 0.55 3.65
CA CYS A 9 -3.32 -0.73 3.92
C CYS A 9 -1.92 -0.79 3.31
N PRO A 10 -0.97 -0.10 3.96
CA PRO A 10 0.42 -0.05 3.48
C PRO A 10 1.13 -1.38 3.65
N LEU A 11 1.81 -1.82 2.60
CA LEU A 11 2.54 -3.09 2.63
C LEU A 11 4.03 -2.87 2.36
N PHE A 12 4.52 -1.68 2.69
CA PHE A 12 5.92 -1.34 2.49
C PHE A 12 6.57 -0.92 3.80
N GLY A 13 6.04 -1.40 4.91
CA GLY A 13 6.58 -1.06 6.21
C GLY A 13 8.07 -1.36 6.32
N VAL A 1 -0.44 2.38 -4.91
CA VAL A 1 0.64 3.30 -5.23
C VAL A 1 1.79 2.58 -5.90
N ALA A 2 2.28 1.51 -5.27
CA ALA A 2 3.37 0.74 -5.81
C ALA A 2 2.96 -0.72 -6.03
N ARG A 3 2.50 -1.36 -4.97
CA ARG A 3 2.06 -2.75 -5.05
C ARG A 3 0.60 -2.90 -4.65
N GLY A 4 0.32 -2.79 -3.36
CA GLY A 4 -1.05 -2.90 -2.87
C GLY A 4 -1.54 -1.63 -2.21
N TRP A 5 -0.69 -0.61 -2.20
CA TRP A 5 -1.04 0.67 -1.58
C TRP A 5 -2.39 1.17 -2.11
N GLY A 6 -3.46 0.83 -1.41
CA GLY A 6 -4.78 1.26 -1.83
C GLY A 6 -5.23 2.52 -1.13
N ARG A 7 -5.70 2.39 0.10
CA ARG A 7 -6.17 3.53 0.87
C ARG A 7 -5.29 3.75 2.11
N LYS A 8 -5.54 2.95 3.14
CA LYS A 8 -4.77 3.04 4.38
C LYS A 8 -4.20 1.68 4.77
N CYS A 9 -3.87 0.87 3.77
CA CYS A 9 -3.32 -0.46 4.01
C CYS A 9 -1.95 -0.60 3.36
N PRO A 10 -0.93 0.02 3.98
CA PRO A 10 0.45 -0.02 3.47
C PRO A 10 1.07 -1.41 3.61
N LEU A 11 1.69 -1.88 2.54
CA LEU A 11 2.32 -3.19 2.53
C LEU A 11 3.81 -3.07 2.22
N PHE A 12 4.39 -1.93 2.55
CA PHE A 12 5.81 -1.68 2.31
C PHE A 12 6.53 -1.31 3.59
N GLY A 13 5.99 -1.77 4.72
CA GLY A 13 6.60 -1.47 6.01
C GLY A 13 7.20 -2.70 6.65
N VAL A 1 -0.46 2.31 -4.98
CA VAL A 1 0.59 3.28 -5.29
C VAL A 1 1.78 2.60 -5.96
N ALA A 2 2.30 1.56 -5.31
CA ALA A 2 3.45 0.83 -5.85
C ALA A 2 3.09 -0.64 -6.08
N ARG A 3 2.64 -1.30 -5.01
CA ARG A 3 2.28 -2.71 -5.09
C ARG A 3 0.81 -2.92 -4.71
N GLY A 4 0.53 -2.82 -3.41
CA GLY A 4 -0.83 -2.99 -2.95
C GLY A 4 -1.38 -1.75 -2.28
N TRP A 5 -0.59 -0.68 -2.27
CA TRP A 5 -1.00 0.57 -1.65
C TRP A 5 -2.35 1.02 -2.20
N GLY A 6 -3.42 0.63 -1.50
CA GLY A 6 -4.76 1.01 -1.93
C GLY A 6 -5.26 2.25 -1.24
N ARG A 7 -5.74 2.09 0.00
CA ARG A 7 -6.26 3.21 0.76
C ARG A 7 -5.40 3.46 2.00
N LYS A 8 -5.61 2.65 3.04
CA LYS A 8 -4.87 2.79 4.27
C LYS A 8 -4.23 1.45 4.68
N CYS A 9 -3.87 0.65 3.68
CA CYS A 9 -3.26 -0.64 3.93
C CYS A 9 -1.88 -0.72 3.28
N PRO A 10 -0.89 -0.06 3.91
CA PRO A 10 0.49 -0.04 3.41
C PRO A 10 1.17 -1.40 3.56
N LEU A 11 1.81 -1.85 2.48
CA LEU A 11 2.51 -3.13 2.49
C LEU A 11 3.99 -2.94 2.18
N PHE A 12 4.53 -1.77 2.52
CA PHE A 12 5.93 -1.47 2.28
C PHE A 12 6.62 -1.06 3.57
N GLY A 13 6.10 -1.55 4.70
CA GLY A 13 6.68 -1.23 5.99
C GLY A 13 8.08 -1.77 6.15
N VAL A 1 -0.60 2.31 -5.03
CA VAL A 1 0.37 3.35 -5.34
C VAL A 1 1.60 2.78 -6.02
N ALA A 2 2.20 1.76 -5.39
CA ALA A 2 3.39 1.11 -5.94
C ALA A 2 3.14 -0.37 -6.16
N ARG A 3 2.75 -1.07 -5.10
CA ARG A 3 2.48 -2.50 -5.19
C ARG A 3 1.04 -2.81 -4.80
N GLY A 4 0.75 -2.74 -3.50
CA GLY A 4 -0.59 -3.02 -3.03
C GLY A 4 -1.23 -1.82 -2.35
N TRP A 5 -0.51 -0.70 -2.34
CA TRP A 5 -1.00 0.52 -1.72
C TRP A 5 -2.39 0.87 -2.25
N GLY A 6 -3.42 0.41 -1.55
CA GLY A 6 -4.78 0.69 -1.96
C GLY A 6 -5.37 1.90 -1.26
N ARG A 7 -5.83 1.70 -0.03
CA ARG A 7 -6.42 2.78 0.75
C ARG A 7 -5.57 3.08 1.99
N LYS A 8 -5.73 2.26 3.01
CA LYS A 8 -4.98 2.43 4.25
C LYS A 8 -4.25 1.14 4.64
N CYS A 9 -3.84 0.38 3.63
CA CYS A 9 -3.14 -0.87 3.87
C CYS A 9 -1.76 -0.85 3.23
N PRO A 10 -0.82 -0.13 3.84
CA PRO A 10 0.56 -0.01 3.34
C PRO A 10 1.34 -1.32 3.47
N LEU A 11 2.00 -1.72 2.39
CA LEU A 11 2.79 -2.94 2.39
C LEU A 11 4.25 -2.65 2.07
N PHE A 12 4.70 -1.45 2.41
CA PHE A 12 6.07 -1.04 2.17
C PHE A 12 6.75 -0.60 3.46
N GLY A 13 6.26 -1.12 4.58
CA GLY A 13 6.83 -0.76 5.87
C GLY A 13 7.95 -1.70 6.29
N VAL A 1 -0.81 2.18 -4.89
CA VAL A 1 0.19 3.18 -5.26
C VAL A 1 1.38 2.52 -5.95
N ALA A 2 1.95 1.51 -5.32
CA ALA A 2 3.10 0.80 -5.88
C ALA A 2 2.78 -0.68 -6.07
N ARG A 3 2.39 -1.34 -4.99
CA ARG A 3 2.06 -2.76 -5.03
C ARG A 3 0.62 -3.00 -4.59
N GLY A 4 0.38 -2.88 -3.29
CA GLY A 4 -0.96 -3.10 -2.77
C GLY A 4 -1.52 -1.85 -2.11
N TRP A 5 -0.75 -0.78 -2.13
CA TRP A 5 -1.19 0.48 -1.53
C TRP A 5 -2.57 0.88 -2.03
N GLY A 6 -3.60 0.47 -1.29
CA GLY A 6 -4.96 0.80 -1.67
C GLY A 6 -5.47 2.04 -0.98
N ARG A 7 -5.91 1.89 0.27
CA ARG A 7 -6.43 3.02 1.03
C ARG A 7 -5.54 3.31 2.24
N LYS A 8 -5.69 2.51 3.29
CA LYS A 8 -4.90 2.68 4.51
C LYS A 8 -4.22 1.38 4.90
N CYS A 9 -3.87 0.57 3.91
CA CYS A 9 -3.21 -0.71 4.16
C CYS A 9 -1.85 -0.76 3.46
N PRO A 10 -0.86 -0.06 4.04
CA PRO A 10 0.50 -0.01 3.49
C PRO A 10 1.23 -1.33 3.63
N LEU A 11 1.84 -1.79 2.53
CA LEU A 11 2.58 -3.04 2.54
C LEU A 11 4.04 -2.82 2.18
N PHE A 12 4.55 -1.63 2.47
CA PHE A 12 5.93 -1.29 2.19
C PHE A 12 6.66 -0.84 3.44
N GLY A 13 6.18 -1.31 4.60
CA GLY A 13 6.80 -0.96 5.86
C GLY A 13 8.28 -1.29 5.90
N VAL A 1 -0.36 2.73 -4.94
CA VAL A 1 0.73 3.66 -5.21
C VAL A 1 1.89 2.95 -5.89
N ALA A 2 2.35 1.86 -5.27
CA ALA A 2 3.47 1.10 -5.83
C ALA A 2 3.06 -0.35 -6.09
N ARG A 3 2.56 -1.02 -5.06
CA ARG A 3 2.14 -2.40 -5.17
C ARG A 3 0.66 -2.56 -4.81
N GLY A 4 0.37 -2.49 -3.51
CA GLY A 4 -1.00 -2.61 -3.06
C GLY A 4 -1.50 -1.36 -2.36
N TRP A 5 -0.66 -0.34 -2.31
CA TRP A 5 -1.02 0.92 -1.66
C TRP A 5 -2.35 1.44 -2.20
N GLY A 6 -3.43 1.08 -1.53
CA GLY A 6 -4.75 1.53 -1.96
C GLY A 6 -5.20 2.78 -1.23
N ARG A 7 -5.70 2.61 0.00
CA ARG A 7 -6.17 3.73 0.79
C ARG A 7 -5.32 3.91 2.04
N LYS A 8 -5.57 3.07 3.05
CA LYS A 8 -4.83 3.14 4.31
C LYS A 8 -4.27 1.77 4.67
N CYS A 9 -3.93 0.99 3.65
CA CYS A 9 -3.37 -0.35 3.86
C CYS A 9 -1.99 -0.47 3.23
N PRO A 10 -0.99 0.13 3.88
CA PRO A 10 0.40 0.10 3.39
C PRO A 10 1.02 -1.29 3.49
N LEU A 11 1.65 -1.74 2.41
CA LEU A 11 2.29 -3.05 2.39
C LEU A 11 3.78 -2.93 2.10
N PHE A 12 4.36 -1.79 2.47
CA PHE A 12 5.78 -1.54 2.26
C PHE A 12 6.48 -1.21 3.56
N GLY A 13 5.92 -1.70 4.67
CA GLY A 13 6.51 -1.43 5.97
C GLY A 13 7.27 -2.63 6.52
N VAL A 1 -0.44 2.03 -5.26
CA VAL A 1 0.56 3.04 -5.53
C VAL A 1 1.82 2.43 -6.10
N ALA A 2 2.36 1.43 -5.39
CA ALA A 2 3.57 0.75 -5.83
C ALA A 2 3.32 -0.74 -6.04
N ARG A 3 2.84 -1.41 -4.99
CA ARG A 3 2.56 -2.83 -5.05
C ARG A 3 1.09 -3.11 -4.76
N GLY A 4 0.71 -2.99 -3.49
CA GLY A 4 -0.67 -3.23 -3.10
C GLY A 4 -1.33 -2.01 -2.52
N TRP A 5 -0.59 -0.90 -2.47
CA TRP A 5 -1.11 0.35 -1.93
C TRP A 5 -2.45 0.70 -2.56
N GLY A 6 -3.54 0.27 -1.94
CA GLY A 6 -4.87 0.55 -2.45
C GLY A 6 -5.48 1.79 -1.83
N ARG A 7 -6.04 1.64 -0.63
CA ARG A 7 -6.67 2.74 0.07
C ARG A 7 -5.91 3.08 1.35
N LYS A 8 -6.14 2.28 2.40
CA LYS A 8 -5.48 2.48 3.68
C LYS A 8 -4.81 1.20 4.15
N CYS A 9 -4.33 0.40 3.20
CA CYS A 9 -3.67 -0.86 3.54
C CYS A 9 -2.25 -0.88 2.98
N PRO A 10 -1.35 -0.14 3.64
CA PRO A 10 0.07 -0.06 3.24
C PRO A 10 0.81 -1.37 3.47
N LEU A 11 1.55 -1.81 2.45
CA LEU A 11 2.31 -3.05 2.54
C LEU A 11 3.80 -2.79 2.32
N PHE A 12 4.24 -1.58 2.65
CA PHE A 12 5.63 -1.21 2.50
C PHE A 12 6.22 -0.73 3.83
N GLY A 13 5.65 -1.22 4.93
CA GLY A 13 6.12 -0.83 6.24
C GLY A 13 7.34 -1.63 6.68
N VAL A 1 -0.37 2.41 -5.08
CA VAL A 1 0.67 3.40 -5.33
C VAL A 1 1.90 2.76 -5.95
N ALA A 2 2.41 1.72 -5.31
CA ALA A 2 3.59 1.03 -5.81
C ALA A 2 3.28 -0.45 -6.07
N ARG A 3 2.80 -1.14 -5.03
CA ARG A 3 2.47 -2.55 -5.14
C ARG A 3 1.00 -2.79 -4.82
N GLY A 4 0.65 -2.71 -3.54
CA GLY A 4 -0.72 -2.93 -3.13
C GLY A 4 -1.32 -1.70 -2.48
N TRP A 5 -0.55 -0.63 -2.41
CA TRP A 5 -1.01 0.62 -1.79
C TRP A 5 -2.35 1.05 -2.39
N GLY A 6 -3.44 0.62 -1.74
CA GLY A 6 -4.77 0.98 -2.22
C GLY A 6 -5.32 2.20 -1.53
N ARG A 7 -5.85 2.01 -0.33
CA ARG A 7 -6.42 3.12 0.43
C ARG A 7 -5.62 3.37 1.72
N LYS A 8 -5.85 2.54 2.73
CA LYS A 8 -5.16 2.67 3.99
C LYS A 8 -4.52 1.34 4.41
N CYS A 9 -4.09 0.57 3.41
CA CYS A 9 -3.47 -0.73 3.67
C CYS A 9 -2.07 -0.77 3.08
N PRO A 10 -1.11 -0.10 3.75
CA PRO A 10 0.28 -0.04 3.31
C PRO A 10 0.99 -1.39 3.47
N LEU A 11 1.68 -1.80 2.41
CA LEU A 11 2.40 -3.07 2.43
C LEU A 11 3.89 -2.85 2.19
N PHE A 12 4.38 -1.68 2.56
CA PHE A 12 5.79 -1.34 2.38
C PHE A 12 6.42 -0.94 3.72
N GLY A 13 5.86 -1.45 4.81
CA GLY A 13 6.38 -1.13 6.13
C GLY A 13 7.27 -2.23 6.68
N VAL A 1 -0.54 1.83 -5.29
CA VAL A 1 0.46 2.84 -5.62
C VAL A 1 1.72 2.20 -6.19
N ALA A 2 2.27 1.23 -5.47
CA ALA A 2 3.47 0.54 -5.91
C ALA A 2 3.22 -0.96 -6.05
N ARG A 3 2.76 -1.58 -4.98
CA ARG A 3 2.48 -3.01 -4.99
C ARG A 3 1.01 -3.29 -4.66
N GLY A 4 0.66 -3.12 -3.39
CA GLY A 4 -0.71 -3.35 -2.96
C GLY A 4 -1.36 -2.10 -2.40
N TRP A 5 -0.63 -1.00 -2.42
CA TRP A 5 -1.14 0.27 -1.90
C TRP A 5 -2.49 0.61 -2.53
N GLY A 6 -3.56 0.19 -1.86
CA GLY A 6 -4.90 0.46 -2.36
C GLY A 6 -5.50 1.72 -1.78
N ARG A 7 -6.04 1.62 -0.58
CA ARG A 7 -6.65 2.76 0.09
C ARG A 7 -5.88 3.13 1.35
N LYS A 8 -6.11 2.36 2.42
CA LYS A 8 -5.43 2.60 3.69
C LYS A 8 -4.75 1.34 4.19
N CYS A 9 -4.30 0.51 3.27
CA CYS A 9 -3.63 -0.74 3.62
C CYS A 9 -2.21 -0.79 3.05
N PRO A 10 -1.30 -0.03 3.68
CA PRO A 10 0.10 0.03 3.25
C PRO A 10 0.85 -1.26 3.51
N LEU A 11 1.58 -1.73 2.50
CA LEU A 11 2.34 -2.97 2.62
C LEU A 11 3.83 -2.72 2.38
N PHE A 12 4.27 -1.50 2.67
CA PHE A 12 5.67 -1.12 2.48
C PHE A 12 6.27 -0.60 3.78
N GLY A 13 5.71 -1.05 4.90
CA GLY A 13 6.20 -0.62 6.20
C GLY A 13 7.14 -1.63 6.83
N VAL A 1 -0.37 2.02 -5.28
CA VAL A 1 0.62 3.04 -5.58
C VAL A 1 1.89 2.41 -6.16
N ALA A 2 2.44 1.43 -5.44
CA ALA A 2 3.65 0.76 -5.87
C ALA A 2 3.41 -0.74 -6.04
N ARG A 3 2.95 -1.38 -4.96
CA ARG A 3 2.67 -2.81 -4.99
C ARG A 3 1.21 -3.10 -4.68
N GLY A 4 0.85 -2.96 -3.41
CA GLY A 4 -0.53 -3.20 -3.01
C GLY A 4 -1.20 -1.96 -2.43
N TRP A 5 -0.46 -0.85 -2.43
CA TRP A 5 -0.99 0.40 -1.90
C TRP A 5 -2.34 0.74 -2.53
N GLY A 6 -3.42 0.30 -1.88
CA GLY A 6 -4.75 0.56 -2.40
C GLY A 6 -5.35 1.82 -1.81
N ARG A 7 -5.91 1.69 -0.60
CA ARG A 7 -6.53 2.83 0.07
C ARG A 7 -5.78 3.18 1.34
N LYS A 8 -6.00 2.41 2.40
CA LYS A 8 -5.35 2.64 3.68
C LYS A 8 -4.66 1.36 4.18
N CYS A 9 -4.18 0.55 3.24
CA CYS A 9 -3.51 -0.69 3.59
C CYS A 9 -2.09 -0.72 3.03
N PRO A 10 -1.19 0.03 3.67
CA PRO A 10 0.22 0.12 3.25
C PRO A 10 0.97 -1.18 3.50
N LEU A 11 1.71 -1.63 2.49
CA LEU A 11 2.48 -2.86 2.61
C LEU A 11 3.96 -2.60 2.38
N PHE A 12 4.39 -1.38 2.68
CA PHE A 12 5.79 -0.99 2.52
C PHE A 12 6.38 -0.48 3.83
N GLY A 13 5.81 -0.94 4.93
CA GLY A 13 6.29 -0.52 6.24
C GLY A 13 7.04 -1.62 6.97
N VAL A 1 -0.20 2.68 -4.92
CA VAL A 1 0.96 3.54 -5.17
C VAL A 1 2.10 2.73 -5.78
N ALA A 2 2.48 1.64 -5.12
CA ALA A 2 3.56 0.79 -5.59
C ALA A 2 3.06 -0.64 -5.84
N ARG A 3 2.48 -1.25 -4.81
CA ARG A 3 1.98 -2.61 -4.91
C ARG A 3 0.48 -2.65 -4.61
N GLY A 4 0.14 -2.52 -3.33
CA GLY A 4 -1.26 -2.55 -2.92
C GLY A 4 -1.70 -1.25 -2.28
N TRP A 5 -0.79 -0.28 -2.23
CA TRP A 5 -1.10 1.02 -1.64
C TRP A 5 -2.36 1.61 -2.24
N GLY A 6 -3.50 1.35 -1.59
CA GLY A 6 -4.77 1.86 -2.09
C GLY A 6 -5.16 3.16 -1.41
N ARG A 7 -5.65 3.07 -0.19
CA ARG A 7 -6.08 4.24 0.56
C ARG A 7 -5.29 4.38 1.86
N LYS A 8 -5.66 3.58 2.86
CA LYS A 8 -5.00 3.61 4.15
C LYS A 8 -4.53 2.21 4.55
N CYS A 9 -4.20 1.39 3.56
CA CYS A 9 -3.75 0.03 3.82
C CYS A 9 -2.35 -0.20 3.25
N PRO A 10 -1.34 0.36 3.93
CA PRO A 10 0.06 0.24 3.51
C PRO A 10 0.59 -1.18 3.67
N LEU A 11 1.24 -1.69 2.63
CA LEU A 11 1.80 -3.04 2.66
C LEU A 11 3.31 -3.01 2.43
N PHE A 12 3.93 -1.90 2.79
CA PHE A 12 5.37 -1.74 2.63
C PHE A 12 6.04 -1.41 3.96
N GLY A 13 5.41 -1.82 5.05
CA GLY A 13 5.96 -1.56 6.37
C GLY A 13 6.42 -2.82 7.07
N VAL A 1 -0.41 2.70 -4.98
CA VAL A 1 0.66 3.65 -5.25
C VAL A 1 1.85 2.98 -5.92
N ALA A 2 2.34 1.90 -5.30
CA ALA A 2 3.48 1.17 -5.85
C ALA A 2 3.10 -0.30 -6.12
N ARG A 3 2.63 -0.98 -5.09
CA ARG A 3 2.23 -2.38 -5.22
C ARG A 3 0.76 -2.57 -4.87
N GLY A 4 0.46 -2.51 -3.57
CA GLY A 4 -0.91 -2.68 -3.12
C GLY A 4 -1.45 -1.44 -2.43
N TRP A 5 -0.63 -0.39 -2.37
CA TRP A 5 -1.03 0.85 -1.73
C TRP A 5 -2.37 1.34 -2.27
N GLY A 6 -3.45 0.96 -1.59
CA GLY A 6 -4.78 1.37 -2.02
C GLY A 6 -5.27 2.61 -1.30
N ARG A 7 -5.71 2.43 -0.06
CA ARG A 7 -6.21 3.53 0.74
C ARG A 7 -5.38 3.70 2.01
N LYS A 8 -5.64 2.85 3.00
CA LYS A 8 -4.92 2.89 4.27
C LYS A 8 -4.32 1.53 4.61
N CYS A 9 -3.95 0.79 3.58
CA CYS A 9 -3.38 -0.54 3.78
C CYS A 9 -1.98 -0.61 3.15
N PRO A 10 -1.00 0.01 3.82
CA PRO A 10 0.38 0.02 3.35
C PRO A 10 1.04 -1.35 3.45
N LEU A 11 1.71 -1.76 2.37
CA LEU A 11 2.38 -3.06 2.33
C LEU A 11 3.87 -2.89 2.05
N PHE A 12 4.41 -1.72 2.43
CA PHE A 12 5.82 -1.44 2.21
C PHE A 12 6.50 -1.08 3.54
N GLY A 13 5.96 -1.60 4.63
CA GLY A 13 6.53 -1.32 5.94
C GLY A 13 7.83 -2.06 6.17
N VAL A 1 -0.28 2.53 -5.14
CA VAL A 1 0.80 3.47 -5.42
C VAL A 1 1.98 2.76 -6.10
N ALA A 2 2.44 1.68 -5.50
CA ALA A 2 3.55 0.91 -6.04
C ALA A 2 3.14 -0.53 -6.33
N ARG A 3 2.68 -1.22 -5.29
CA ARG A 3 2.25 -2.62 -5.43
C ARG A 3 0.79 -2.78 -5.00
N GLY A 4 0.55 -2.67 -3.70
CA GLY A 4 -0.81 -2.81 -3.19
C GLY A 4 -1.28 -1.57 -2.47
N TRP A 5 -0.46 -0.52 -2.49
CA TRP A 5 -0.81 0.73 -1.82
C TRP A 5 -2.12 1.29 -2.37
N GLY A 6 -3.24 0.79 -1.86
CA GLY A 6 -4.53 1.25 -2.31
C GLY A 6 -4.99 2.50 -1.57
N ARG A 7 -5.79 2.31 -0.54
CA ARG A 7 -6.31 3.43 0.26
C ARG A 7 -5.48 3.60 1.53
N LYS A 8 -5.76 2.77 2.53
CA LYS A 8 -5.05 2.84 3.80
C LYS A 8 -4.46 1.48 4.17
N CYS A 9 -4.06 0.73 3.15
CA CYS A 9 -3.47 -0.60 3.37
C CYS A 9 -2.06 -0.67 2.81
N PRO A 10 -1.12 0.00 3.49
CA PRO A 10 0.28 0.04 3.06
C PRO A 10 0.97 -1.32 3.26
N LEU A 11 1.76 -1.71 2.25
CA LEU A 11 2.48 -2.99 2.31
C LEU A 11 3.97 -2.77 2.19
N PHE A 12 4.44 -1.61 2.64
CA PHE A 12 5.86 -1.28 2.58
C PHE A 12 6.41 -0.98 3.97
N GLY A 13 5.79 -1.57 4.98
CA GLY A 13 6.24 -1.36 6.35
C GLY A 13 7.56 -2.05 6.65
N VAL A 1 -0.98 2.42 -4.83
CA VAL A 1 0.04 3.39 -5.24
C VAL A 1 1.15 2.71 -6.02
N ALA A 2 1.72 1.65 -5.45
CA ALA A 2 2.79 0.91 -6.08
C ALA A 2 2.41 -0.54 -6.30
N ARG A 3 2.08 -1.24 -5.22
CA ARG A 3 1.69 -2.64 -5.29
C ARG A 3 0.29 -2.84 -4.72
N GLY A 4 0.16 -2.72 -3.40
CA GLY A 4 -1.12 -2.89 -2.76
C GLY A 4 -1.56 -1.66 -2.00
N TRP A 5 -0.79 -0.58 -2.12
CA TRP A 5 -1.12 0.67 -1.44
C TRP A 5 -2.49 1.19 -1.87
N GLY A 6 -3.53 0.65 -1.24
CA GLY A 6 -4.88 1.07 -1.56
C GLY A 6 -5.31 2.30 -0.80
N ARG A 7 -6.01 2.09 0.31
CA ARG A 7 -6.48 3.21 1.13
C ARG A 7 -5.54 3.45 2.31
N LYS A 8 -5.68 2.63 3.35
CA LYS A 8 -4.85 2.74 4.53
C LYS A 8 -4.17 1.42 4.86
N CYS A 9 -3.83 0.66 3.83
CA CYS A 9 -3.19 -0.63 4.01
C CYS A 9 -1.84 -0.67 3.31
N PRO A 10 -0.86 0.04 3.87
CA PRO A 10 0.49 0.11 3.33
C PRO A 10 1.25 -1.21 3.46
N LEU A 11 1.94 -1.60 2.39
CA LEU A 11 2.70 -2.84 2.40
C LEU A 11 4.17 -2.58 2.11
N PHE A 12 4.64 -1.40 2.50
CA PHE A 12 6.04 -1.03 2.29
C PHE A 12 6.72 -0.68 3.60
N GLY A 13 6.23 -1.28 4.70
CA GLY A 13 6.79 -1.01 6.00
C GLY A 13 7.54 -2.22 6.55
#